data_8BE8
#
_entry.id   8BE8
#
_cell.length_a   150.060
_cell.length_b   150.060
_cell.length_c   202.250
_cell.angle_alpha   90.000
_cell.angle_beta   90.000
_cell.angle_gamma   90.000
#
_symmetry.space_group_name_H-M   'I 4 2 2'
#
loop_
_entity.id
_entity.type
_entity.pdbx_description
1 polymer 'GTPase HRas'
2 polymer 'Son of sevenless homolog 1'
3 polymer SOS1-HRas-peptidomimetic4
4 non-polymer 'FORMIC ACID'
5 water water
#
loop_
_entity_poly.entity_id
_entity_poly.type
_entity_poly.pdbx_seq_one_letter_code
_entity_poly.pdbx_strand_id
1 'polypeptide(L)'
;MGSSHHHHHHSSGLVPRGSHMTEYKLVVVGAGGVGKSALTIQLIQNHFVDEYDPTIEDSYRKQVVIDGETCLLDILDTAG
QEEYSAMRDQYMRTGEGFLCVFAINNTKSFEDIHQYREQIKRVKDSDDVPMVLVGNKCDLAARTVESRQAQDLARSYGIP
YIETSAKTRQGVEDAFYTLVREIRQH
;
R
2 'polypeptide(L)'
;MGSSHHHHHHSSGLVPRGSHMEEQMRLPSADVYRFAEPDSEENIIFEENMQPKAGIPIIKAGTVIKLIERLTYHMYADPN
FVRTFLTTYRSFCKPQELLSLIIERFEIPEPEPTEADRIAIENGDQPLSAELKRFRKEYIQPVQLRVLNVCRHWVEHHFY
DFERDAYLLQRMEEFIGTVRGKAMKKWVESITKIIQRKKIARDNGPGHNITFQSSPPTVEWHISRPGHIETFDLLTLHPI
EIARQLTLLESDLYRAVQPSELVGSVWTKEDKEINSPNLLKMIRHTTNLTLWFEKCIVETENLEERVAVVSRIIEILQVF
QELNNFNGVLEVVSAMNSSPVYRLDHTFEQIPSRQKKILEEAHELSEDHYKKYLAKLRSINPPCVPFFGIYLTNILKTEE
GNPEVLKRHGKELINFSKRRKVAEITGEIQQYQNQPYCLRVESDIKRFFENLNPMGNSMEKEFTDYLFNKSLEIEPRNPK
PLPRFPKKYSYPLKSPGVRPSNPRPGT
;
S
3 'polypeptide(L)' K(HRG)HPWSVA(XSN) P
#
# COMPACT_ATOMS: atom_id res chain seq x y z
N MET A 21 -5.93 27.26 -17.70
CA MET A 21 -5.41 26.30 -18.69
C MET A 21 -5.98 24.88 -18.52
N THR A 22 -5.84 24.09 -19.58
CA THR A 22 -6.45 22.77 -19.64
C THR A 22 -5.66 21.76 -18.81
N GLU A 23 -6.41 20.95 -18.07
CA GLU A 23 -5.85 19.89 -17.27
C GLU A 23 -6.31 18.56 -17.87
N TYR A 24 -5.37 17.63 -18.04
CA TYR A 24 -5.64 16.28 -18.53
C TYR A 24 -5.50 15.26 -17.39
N LYS A 25 -6.56 14.49 -17.15
CA LYS A 25 -6.53 13.36 -16.21
C LYS A 25 -6.08 12.09 -16.94
N LEU A 26 -4.82 11.70 -16.71
CA LEU A 26 -4.24 10.49 -17.27
C LEU A 26 -4.21 9.41 -16.19
N VAL A 27 -4.48 8.14 -16.58
CA VAL A 27 -4.43 6.99 -15.68
C VAL A 27 -3.49 5.93 -16.26
N VAL A 28 -2.55 5.48 -15.44
CA VAL A 28 -1.60 4.43 -15.81
C VAL A 28 -2.18 3.08 -15.41
N VAL A 29 -2.28 2.16 -16.36
CA VAL A 29 -2.85 0.83 -16.13
C VAL A 29 -1.86 -0.21 -16.60
N GLY A 30 -1.61 -1.21 -15.76
CA GLY A 30 -0.72 -2.27 -16.16
C GLY A 30 -0.43 -3.23 -15.02
N ALA A 31 0.18 -4.35 -15.40
CA ALA A 31 0.47 -5.39 -14.41
C ALA A 31 1.43 -4.87 -13.36
N GLY A 32 1.28 -5.35 -12.15
CA GLY A 32 2.24 -5.09 -11.09
C GLY A 32 3.47 -5.99 -11.21
N GLY A 33 4.47 -5.70 -10.39
CA GLY A 33 5.62 -6.57 -10.31
C GLY A 33 6.71 -6.35 -11.37
N VAL A 34 6.52 -5.44 -12.34
CA VAL A 34 7.49 -5.23 -13.42
C VAL A 34 7.90 -3.78 -13.54
N GLY A 35 7.81 -3.02 -12.45
CA GLY A 35 8.31 -1.66 -12.37
C GLY A 35 7.64 -0.64 -13.26
N LYS A 36 6.33 -0.79 -13.52
CA LYS A 36 5.61 0.23 -14.31
C LYS A 36 5.71 1.63 -13.71
N SER A 37 5.88 1.75 -12.39
CA SER A 37 5.95 3.07 -11.75
C SER A 37 7.03 3.96 -12.39
N ALA A 38 8.06 3.36 -12.99
CA ALA A 38 9.15 4.17 -13.51
C ALA A 38 8.68 5.10 -14.61
N LEU A 39 7.64 4.71 -15.35
CA LEU A 39 7.21 5.60 -16.42
C LEU A 39 6.76 6.94 -15.86
N THR A 40 5.94 6.94 -14.81
CA THR A 40 5.43 8.24 -14.40
C THR A 40 6.48 8.97 -13.56
N ILE A 41 7.19 8.23 -12.70
CA ILE A 41 8.23 8.84 -11.89
C ILE A 41 9.22 9.59 -12.79
N GLN A 42 9.73 8.92 -13.83
CA GLN A 42 10.70 9.53 -14.71
C GLN A 42 10.12 10.75 -15.40
N LEU A 43 8.82 10.75 -15.71
CA LEU A 43 8.24 11.95 -16.30
C LEU A 43 8.29 13.11 -15.34
N ILE A 44 7.95 12.86 -14.07
CA ILE A 44 7.79 13.97 -13.12
C ILE A 44 9.13 14.50 -12.67
N GLN A 45 10.07 13.65 -12.34
CA GLN A 45 11.40 14.13 -11.95
C GLN A 45 11.94 15.06 -13.01
N ASN A 46 12.48 16.21 -12.58
CA ASN A 46 13.34 16.97 -13.47
C ASN A 46 14.41 16.02 -13.98
N HIS A 47 14.83 16.25 -15.23
CA HIS A 47 15.55 15.22 -15.97
C HIS A 47 16.81 14.75 -15.24
N PHE A 48 17.28 15.50 -14.23
CA PHE A 48 18.52 15.19 -13.54
C PHE A 48 18.37 15.08 -12.02
N VAL A 49 17.14 15.19 -11.50
CA VAL A 49 16.87 14.90 -10.10
C VAL A 49 16.42 13.45 -10.01
N ASP A 50 17.07 12.69 -9.15
CA ASP A 50 16.61 11.33 -8.84
C ASP A 50 15.76 11.25 -7.58
N GLU A 51 15.60 12.34 -6.83
CA GLU A 51 14.64 12.37 -5.74
C GLU A 51 13.24 12.06 -6.27
N TYR A 52 12.46 11.38 -5.43
CA TYR A 52 11.03 11.29 -5.64
C TYR A 52 10.37 11.09 -4.28
N ASP A 53 9.48 12.01 -3.92
CA ASP A 53 8.65 11.91 -2.73
C ASP A 53 7.20 11.81 -3.17
N PRO A 54 6.60 10.62 -3.14
CA PRO A 54 5.27 10.47 -3.72
C PRO A 54 4.18 11.09 -2.88
N THR A 55 4.51 11.60 -1.70
CA THR A 55 3.51 12.09 -0.76
C THR A 55 3.11 13.54 -0.97
N ILE A 56 3.42 14.18 -2.12
CA ILE A 56 3.08 15.58 -2.34
C ILE A 56 2.54 15.81 -3.75
N GLU A 57 1.75 16.89 -3.92
CA GLU A 57 1.06 17.16 -5.19
C GLU A 57 2.03 17.25 -6.38
N ASP A 58 3.15 17.93 -6.21
CA ASP A 58 4.10 17.99 -7.30
C ASP A 58 4.52 16.61 -7.79
N SER A 59 4.20 15.54 -7.03
CA SER A 59 4.66 14.20 -7.39
C SER A 59 3.84 13.60 -8.52
N TYR A 60 2.58 14.03 -8.67
CA TYR A 60 1.73 13.56 -9.77
C TYR A 60 1.15 14.66 -10.66
N ARG A 61 1.48 15.95 -10.44
CA ARG A 61 0.99 17.02 -11.30
C ARG A 61 2.18 17.74 -11.95
N LYS A 62 2.13 17.90 -13.28
CA LYS A 62 3.21 18.58 -13.99
C LYS A 62 2.65 19.49 -15.08
N GLN A 63 3.17 20.71 -15.17
CA GLN A 63 2.78 21.66 -16.20
C GLN A 63 3.74 21.49 -17.36
N VAL A 64 3.22 21.35 -18.58
CA VAL A 64 4.05 21.08 -19.75
C VAL A 64 3.53 21.85 -20.97
N VAL A 65 4.35 21.93 -22.01
CA VAL A 65 3.96 22.58 -23.25
C VAL A 65 4.03 21.52 -24.35
N ILE A 66 2.91 21.31 -25.04
CA ILE A 66 2.79 20.27 -26.05
C ILE A 66 2.25 20.91 -27.32
N ASP A 67 3.01 20.77 -28.40
CA ASP A 67 2.62 21.37 -29.68
C ASP A 67 2.25 22.84 -29.50
N GLY A 68 2.98 23.52 -28.63
CA GLY A 68 2.78 24.93 -28.38
C GLY A 68 1.66 25.30 -27.44
N GLU A 69 0.93 24.34 -26.92
CA GLU A 69 -0.15 24.64 -25.99
C GLU A 69 0.27 24.16 -24.61
N THR A 70 0.25 25.07 -23.65
CA THR A 70 0.56 24.78 -22.26
C THR A 70 -0.64 24.13 -21.58
N CYS A 71 -0.36 23.12 -20.75
CA CYS A 71 -1.41 22.36 -20.08
C CYS A 71 -0.83 21.73 -18.82
N LEU A 72 -1.72 21.14 -18.04
CA LEU A 72 -1.34 20.48 -16.80
C LEU A 72 -1.73 19.01 -16.86
N LEU A 73 -0.72 18.11 -16.76
CA LEU A 73 -0.94 16.67 -16.68
C LEU A 73 -1.15 16.27 -15.22
N ASP A 74 -2.30 15.69 -14.92
CA ASP A 74 -2.55 15.02 -13.66
C ASP A 74 -2.52 13.51 -13.90
N ILE A 75 -1.55 12.81 -13.29
CA ILE A 75 -1.27 11.39 -13.59
C ILE A 75 -1.58 10.54 -12.38
N LEU A 76 -2.52 9.60 -12.54
CA LEU A 76 -2.85 8.62 -11.51
C LEU A 76 -2.11 7.31 -11.84
N ASP A 77 -1.24 6.89 -10.93
CA ASP A 77 -0.59 5.59 -11.02
C ASP A 77 -0.72 4.90 -9.67
N THR A 78 -1.57 3.87 -9.61
CA THR A 78 -1.85 3.13 -8.38
C THR A 78 -0.86 2.00 -8.14
N ALA A 79 0.30 2.03 -8.80
CA ALA A 79 1.27 0.96 -8.64
C ALA A 79 1.32 0.51 -7.18
N GLY A 80 1.20 -0.78 -6.97
CA GLY A 80 1.26 -1.36 -5.63
C GLY A 80 -0.08 -1.82 -5.10
N GLN A 81 -1.18 -1.36 -5.70
CA GLN A 81 -2.53 -1.67 -5.26
C GLN A 81 -3.21 -2.68 -6.16
N GLU A 82 -2.41 -3.43 -6.94
CA GLU A 82 -2.95 -4.40 -7.90
C GLU A 82 -3.85 -5.45 -7.23
N GLU A 83 -3.52 -5.91 -6.01
CA GLU A 83 -4.40 -6.87 -5.33
C GLU A 83 -5.80 -6.31 -5.05
N TYR A 84 -5.96 -4.99 -4.88
CA TYR A 84 -7.30 -4.41 -4.73
C TYR A 84 -8.00 -4.41 -6.09
N SER A 85 -8.29 -5.60 -6.61
CA SER A 85 -8.77 -5.67 -7.99
C SER A 85 -10.12 -4.99 -8.16
N ALA A 86 -10.96 -4.98 -7.13
CA ALA A 86 -12.31 -4.42 -7.29
C ALA A 86 -12.30 -2.91 -7.21
N MET A 87 -11.11 -2.31 -7.08
CA MET A 87 -11.01 -0.86 -7.17
C MET A 87 -10.63 -0.37 -8.56
N ARG A 88 -10.31 -1.28 -9.51
CA ARG A 88 -9.84 -0.77 -10.81
C ARG A 88 -10.87 0.15 -11.45
N ASP A 89 -12.15 -0.24 -11.46
CA ASP A 89 -13.20 0.60 -12.06
C ASP A 89 -13.17 2.01 -11.45
N GLN A 90 -13.11 2.07 -10.11
CA GLN A 90 -13.12 3.36 -9.43
C GLN A 90 -11.95 4.21 -9.90
N TYR A 91 -10.77 3.60 -10.00
CA TYR A 91 -9.64 4.41 -10.37
C TYR A 91 -9.72 4.77 -11.85
N MET A 92 -10.18 3.82 -12.69
CA MET A 92 -10.22 4.10 -14.12
C MET A 92 -11.24 5.20 -14.42
N ARG A 93 -12.33 5.20 -13.68
CA ARG A 93 -13.40 6.20 -13.85
C ARG A 93 -12.82 7.61 -13.76
N THR A 94 -11.72 7.80 -13.05
CA THR A 94 -11.23 9.17 -12.91
C THR A 94 -10.52 9.72 -14.14
N GLY A 95 -10.16 8.92 -15.13
CA GLY A 95 -9.30 9.40 -16.20
C GLY A 95 -10.04 9.72 -17.49
N GLU A 96 -9.49 10.63 -18.28
CA GLU A 96 -9.96 10.76 -19.65
C GLU A 96 -9.00 10.13 -20.63
N GLY A 97 -7.76 9.89 -20.22
CA GLY A 97 -6.81 9.21 -21.09
C GLY A 97 -6.00 8.18 -20.34
N PHE A 98 -5.63 7.11 -21.06
CA PHE A 98 -5.06 5.93 -20.40
C PHE A 98 -3.76 5.48 -21.05
N LEU A 99 -2.74 5.25 -20.23
CA LEU A 99 -1.51 4.56 -20.65
C LEU A 99 -1.58 3.11 -20.21
N CYS A 100 -1.71 2.20 -21.17
CA CYS A 100 -1.65 0.77 -20.89
C CYS A 100 -0.22 0.29 -21.04
N VAL A 101 0.35 -0.19 -19.95
CA VAL A 101 1.79 -0.40 -19.80
C VAL A 101 2.08 -1.88 -19.52
N PHE A 102 3.08 -2.41 -20.20
CA PHE A 102 3.57 -3.77 -19.98
C PHE A 102 5.08 -3.68 -20.01
N ALA A 103 5.73 -4.68 -19.45
CA ALA A 103 7.19 -4.72 -19.48
C ALA A 103 7.61 -5.59 -20.66
N ILE A 104 8.63 -5.14 -21.41
CA ILE A 104 8.98 -5.88 -22.62
C ILE A 104 9.74 -7.15 -22.31
N ASN A 105 10.18 -7.34 -21.05
CA ASN A 105 10.77 -8.57 -20.56
C ASN A 105 9.77 -9.48 -19.88
N ASN A 106 8.47 -9.16 -19.91
CA ASN A 106 7.48 -9.97 -19.20
C ASN A 106 6.27 -10.20 -20.12
N THR A 107 6.23 -11.38 -20.70
CA THR A 107 5.17 -11.71 -21.65
C THR A 107 3.80 -11.70 -21.01
N LYS A 108 3.66 -12.26 -19.80
CA LYS A 108 2.38 -12.20 -19.09
C LYS A 108 1.84 -10.76 -18.99
N SER A 109 2.70 -9.77 -18.70
CA SER A 109 2.19 -8.39 -18.62
C SER A 109 1.70 -7.87 -19.97
N PHE A 110 2.31 -8.32 -21.07
CA PHE A 110 1.82 -7.97 -22.40
C PHE A 110 0.46 -8.63 -22.69
N GLU A 111 0.33 -9.91 -22.33
CA GLU A 111 -0.97 -10.60 -22.47
C GLU A 111 -2.08 -9.97 -21.63
N ASP A 112 -1.77 -9.37 -20.47
CA ASP A 112 -2.80 -8.75 -19.61
C ASP A 112 -3.45 -7.52 -20.27
N ILE A 113 -2.82 -6.99 -21.32
CA ILE A 113 -3.26 -5.72 -21.88
C ILE A 113 -4.69 -5.82 -22.39
N HIS A 114 -5.01 -6.94 -23.04
CA HIS A 114 -6.30 -7.00 -23.73
C HIS A 114 -7.43 -6.80 -22.73
N GLN A 115 -7.34 -7.46 -21.57
CA GLN A 115 -8.42 -7.40 -20.60
C GLN A 115 -8.44 -6.05 -19.88
N TYR A 116 -7.26 -5.48 -19.56
CA TYR A 116 -7.25 -4.10 -19.07
C TYR A 116 -8.03 -3.16 -20.01
N ARG A 117 -7.78 -3.24 -21.31
CA ARG A 117 -8.45 -2.34 -22.23
C ARG A 117 -9.95 -2.63 -22.29
N GLU A 118 -10.34 -3.91 -22.34
CA GLU A 118 -11.77 -4.22 -22.22
C GLU A 118 -12.37 -3.51 -21.04
N GLN A 119 -11.66 -3.54 -19.91
CA GLN A 119 -12.22 -2.95 -18.71
C GLN A 119 -12.31 -1.43 -18.82
N ILE A 120 -11.27 -0.78 -19.37
CA ILE A 120 -11.32 0.66 -19.58
C ILE A 120 -12.52 1.03 -20.46
N LYS A 121 -12.74 0.26 -21.53
CA LYS A 121 -13.87 0.55 -22.41
C LYS A 121 -15.20 0.42 -21.67
N ARG A 122 -15.34 -0.58 -20.82
CA ARG A 122 -16.60 -0.71 -20.11
C ARG A 122 -16.77 0.41 -19.07
N VAL A 123 -15.71 0.70 -18.32
CA VAL A 123 -15.77 1.77 -17.33
C VAL A 123 -16.18 3.08 -17.97
N LYS A 124 -15.59 3.41 -19.12
CA LYS A 124 -15.88 4.69 -19.75
C LYS A 124 -17.08 4.62 -20.67
N ASP A 125 -17.64 3.43 -20.88
CA ASP A 125 -18.82 3.28 -21.73
C ASP A 125 -18.57 3.82 -23.14
N SER A 126 -17.50 3.37 -23.76
CA SER A 126 -17.09 3.93 -25.03
C SER A 126 -16.11 2.97 -25.67
N ASP A 127 -16.23 2.80 -26.99
CA ASP A 127 -15.35 1.92 -27.74
C ASP A 127 -14.08 2.60 -28.19
N ASP A 128 -13.97 3.92 -28.10
CA ASP A 128 -12.67 4.52 -28.38
C ASP A 128 -12.42 5.57 -27.32
N VAL A 129 -11.71 5.14 -26.30
CA VAL A 129 -11.23 5.97 -25.22
C VAL A 129 -9.83 6.41 -25.63
N PRO A 130 -9.44 7.65 -25.44
CA PRO A 130 -8.05 7.99 -25.75
C PRO A 130 -7.10 7.07 -24.98
N MET A 131 -6.19 6.41 -25.71
CA MET A 131 -5.26 5.54 -25.01
C MET A 131 -4.04 5.25 -25.86
N VAL A 132 -3.00 4.85 -25.18
CA VAL A 132 -1.69 4.62 -25.74
C VAL A 132 -1.20 3.28 -25.20
N LEU A 133 -0.44 2.53 -26.01
CA LEU A 133 0.18 1.30 -25.55
C LEU A 133 1.65 1.61 -25.31
N VAL A 134 2.16 1.21 -24.14
CA VAL A 134 3.53 1.52 -23.75
C VAL A 134 4.26 0.25 -23.35
N GLY A 135 5.28 -0.12 -24.12
CA GLY A 135 6.22 -1.14 -23.70
C GLY A 135 7.40 -0.52 -22.98
N ASN A 136 7.71 -1.04 -21.82
CA ASN A 136 8.67 -0.44 -20.92
C ASN A 136 9.86 -1.39 -20.76
N LYS A 137 11.07 -0.87 -20.91
CA LYS A 137 12.28 -1.70 -20.85
C LYS A 137 13.04 -1.36 -19.58
N CYS A 138 13.18 -2.34 -18.69
CA CYS A 138 13.99 -2.19 -17.48
C CYS A 138 15.46 -2.50 -17.80
N ASP A 139 16.34 -2.08 -16.89
CA ASP A 139 17.76 -2.00 -17.17
C ASP A 139 18.31 -3.25 -17.88
N LEU A 140 18.08 -4.45 -17.32
CA LEU A 140 18.95 -5.58 -17.63
C LEU A 140 18.29 -6.90 -18.04
N ALA A 141 16.98 -7.10 -17.83
CA ALA A 141 16.41 -8.38 -18.26
C ALA A 141 16.23 -8.42 -19.78
N ALA A 142 16.00 -9.61 -20.29
CA ALA A 142 16.01 -9.83 -21.71
C ALA A 142 14.61 -9.69 -22.32
N ARG A 143 14.55 -9.04 -23.47
CA ARG A 143 13.27 -8.83 -24.15
C ARG A 143 12.60 -10.17 -24.45
N THR A 144 11.29 -10.26 -24.16
CA THR A 144 10.47 -11.38 -24.62
C THR A 144 9.31 -10.94 -25.48
N VAL A 145 9.06 -9.64 -25.58
CA VAL A 145 8.00 -9.10 -26.41
C VAL A 145 8.68 -8.30 -27.50
N GLU A 146 8.60 -8.81 -28.72
CA GLU A 146 9.19 -8.12 -29.86
C GLU A 146 8.37 -6.90 -30.22
N SER A 147 9.07 -5.88 -30.71
CA SER A 147 8.37 -4.65 -31.04
C SER A 147 7.29 -4.89 -32.11
N ARG A 148 7.51 -5.82 -33.01
CA ARG A 148 6.50 -6.09 -34.03
C ARG A 148 5.21 -6.59 -33.41
N GLN A 149 5.30 -7.54 -32.46
CA GLN A 149 4.14 -8.03 -31.71
C GLN A 149 3.33 -6.88 -31.11
N ALA A 150 4.02 -5.95 -30.41
CA ALA A 150 3.32 -4.85 -29.75
C ALA A 150 2.72 -3.88 -30.76
N GLN A 151 3.50 -3.52 -31.77
CA GLN A 151 3.05 -2.72 -32.91
C GLN A 151 1.77 -3.30 -33.54
N ASP A 152 1.73 -4.64 -33.72
CA ASP A 152 0.54 -5.28 -34.28
C ASP A 152 -0.66 -5.23 -33.32
N LEU A 153 -0.44 -5.49 -32.03
CA LEU A 153 -1.53 -5.33 -31.08
C LEU A 153 -2.09 -3.91 -31.13
N ALA A 154 -1.19 -2.92 -31.12
CA ALA A 154 -1.65 -1.53 -31.02
C ALA A 154 -2.40 -1.13 -32.27
N ARG A 155 -1.94 -1.60 -33.43
CA ARG A 155 -2.68 -1.31 -34.64
C ARG A 155 -4.04 -1.98 -34.59
N SER A 156 -4.12 -3.22 -34.12
CA SER A 156 -5.43 -3.89 -34.01
C SER A 156 -6.38 -3.11 -33.09
N TYR A 157 -5.86 -2.36 -32.12
CA TYR A 157 -6.76 -1.52 -31.32
C TYR A 157 -6.96 -0.12 -31.90
N GLY A 158 -6.20 0.24 -32.94
CA GLY A 158 -6.30 1.59 -33.46
C GLY A 158 -5.69 2.64 -32.57
N ILE A 159 -4.59 2.32 -31.88
CA ILE A 159 -3.95 3.24 -30.94
C ILE A 159 -2.44 3.20 -31.16
N PRO A 160 -1.74 4.25 -30.69
CA PRO A 160 -0.27 4.28 -30.84
C PRO A 160 0.45 3.32 -29.90
N TYR A 161 1.69 3.01 -30.30
CA TYR A 161 2.64 2.26 -29.52
C TYR A 161 3.87 3.10 -29.24
N ILE A 162 4.29 3.20 -27.97
CA ILE A 162 5.55 3.82 -27.59
C ILE A 162 6.35 2.86 -26.72
N GLU A 163 7.63 2.70 -27.02
CA GLU A 163 8.57 2.01 -26.17
C GLU A 163 9.38 3.04 -25.39
N THR A 164 9.60 2.76 -24.10
CA THR A 164 10.37 3.62 -23.22
C THR A 164 11.45 2.81 -22.55
N SER A 165 12.48 3.51 -22.08
CA SER A 165 13.51 2.91 -21.25
C SER A 165 13.47 3.55 -19.85
N ALA A 166 13.42 2.69 -18.81
CA ALA A 166 13.56 3.19 -17.44
C ALA A 166 15.00 3.60 -17.11
N LYS A 167 15.98 3.08 -17.84
CA LYS A 167 17.36 3.44 -17.56
C LYS A 167 17.73 4.83 -18.11
N THR A 168 17.25 5.18 -19.31
CA THR A 168 17.73 6.36 -20.00
C THR A 168 16.72 7.47 -20.12
N ARG A 169 15.44 7.22 -19.83
CA ARG A 169 14.34 8.14 -20.00
C ARG A 169 13.93 8.28 -21.45
N GLN A 170 14.58 7.57 -22.38
CA GLN A 170 14.13 7.59 -23.76
C GLN A 170 12.67 7.14 -23.87
N GLY A 171 11.86 7.94 -24.57
CA GLY A 171 10.50 7.60 -24.92
C GLY A 171 9.44 8.05 -23.94
N VAL A 172 9.84 8.36 -22.70
CA VAL A 172 8.89 8.65 -21.63
C VAL A 172 7.97 9.80 -22.03
N GLU A 173 8.61 10.93 -22.34
CA GLU A 173 7.88 12.12 -22.75
C GLU A 173 7.01 11.83 -23.95
N ASP A 174 7.58 11.16 -24.95
CA ASP A 174 6.83 10.79 -26.14
C ASP A 174 5.54 10.04 -25.76
N ALA A 175 5.63 9.13 -24.78
CA ALA A 175 4.47 8.34 -24.37
C ALA A 175 3.34 9.23 -23.86
N PHE A 176 3.66 10.09 -22.89
CA PHE A 176 2.64 10.99 -22.36
C PHE A 176 2.14 12.02 -23.40
N TYR A 177 3.04 12.54 -24.23
CA TYR A 177 2.61 13.58 -25.17
C TYR A 177 1.70 13.01 -26.25
N THR A 178 2.06 11.82 -26.78
CA THR A 178 1.16 11.12 -27.67
C THR A 178 -0.22 10.95 -27.04
N LEU A 179 -0.27 10.64 -25.73
CA LEU A 179 -1.59 10.44 -25.14
C LEU A 179 -2.37 11.76 -25.11
N VAL A 180 -1.71 12.84 -24.72
CA VAL A 180 -2.37 14.13 -24.77
C VAL A 180 -2.85 14.47 -26.18
N ARG A 181 -2.08 14.12 -27.22
CA ARG A 181 -2.57 14.40 -28.58
C ARG A 181 -3.78 13.52 -28.93
N GLU A 182 -3.82 12.28 -28.44
CA GLU A 182 -5.03 11.47 -28.63
C GLU A 182 -6.25 12.13 -27.98
N ILE A 183 -6.08 12.73 -26.81
CA ILE A 183 -7.21 13.43 -26.20
C ILE A 183 -7.62 14.65 -27.04
N ARG A 184 -6.64 15.45 -27.47
CA ARG A 184 -6.96 16.68 -28.21
C ARG A 184 -7.63 16.41 -29.54
N GLN A 185 -7.27 15.31 -30.21
CA GLN A 185 -7.79 14.96 -31.52
C GLN A 185 -8.99 14.03 -31.45
N HIS A 186 -9.39 13.60 -30.27
CA HIS A 186 -10.51 12.68 -30.11
C HIS A 186 -11.74 13.08 -30.97
N MET B 25 40.70 12.47 21.72
CA MET B 25 40.85 11.04 22.04
C MET B 25 41.48 10.27 20.88
N ARG B 26 42.23 9.19 21.15
CA ARG B 26 43.02 8.53 20.12
C ARG B 26 42.65 7.06 19.99
N LEU B 27 42.35 6.64 18.77
CA LEU B 27 41.80 5.34 18.44
C LEU B 27 42.81 4.49 17.71
N PRO B 28 42.57 3.18 17.62
CA PRO B 28 43.48 2.29 16.87
C PRO B 28 43.59 2.69 15.40
N SER B 29 44.44 2.02 14.63
CA SER B 29 44.59 2.34 13.22
C SER B 29 43.57 1.58 12.39
N ALA B 30 43.06 2.23 11.34
CA ALA B 30 42.01 1.60 10.54
C ALA B 30 42.47 0.25 10.02
N ASP B 31 43.78 0.07 9.85
CA ASP B 31 44.26 -1.23 9.40
C ASP B 31 44.15 -2.33 10.47
N VAL B 32 43.51 -2.07 11.60
CA VAL B 32 43.32 -3.10 12.63
C VAL B 32 41.86 -3.10 13.06
N TYR B 33 41.23 -1.94 12.98
CA TYR B 33 39.87 -1.76 13.44
C TYR B 33 39.22 -0.83 12.43
N ARG B 34 38.43 -1.39 11.51
CA ARG B 34 37.95 -0.64 10.35
C ARG B 34 37.08 0.55 10.73
N PHE B 35 36.47 0.53 11.91
CA PHE B 35 35.57 1.61 12.29
C PHE B 35 36.30 2.83 12.82
N ALA B 36 37.63 2.85 12.72
CA ALA B 36 38.42 3.99 13.17
C ALA B 36 38.73 4.97 12.04
N GLU B 37 38.52 4.57 10.80
CA GLU B 37 38.74 5.45 9.66
C GLU B 37 37.89 6.71 9.82
N PRO B 38 38.49 7.90 9.74
CA PRO B 38 37.70 9.14 9.91
C PRO B 38 36.59 9.29 8.88
N ASP B 39 35.60 10.07 9.26
CA ASP B 39 34.60 10.49 8.31
C ASP B 39 35.27 11.20 7.16
N SER B 40 34.56 11.27 6.03
CA SER B 40 34.97 12.08 4.89
C SER B 40 33.80 12.18 3.95
N GLU B 41 33.94 13.05 2.94
CA GLU B 41 32.99 13.11 1.84
C GLU B 41 32.82 11.77 1.16
N GLU B 42 33.79 10.88 1.29
CA GLU B 42 33.73 9.59 0.62
C GLU B 42 33.11 8.51 1.49
N ASN B 43 32.74 8.85 2.73
CA ASN B 43 32.34 7.91 3.78
C ASN B 43 30.89 8.09 4.20
N ILE B 44 30.55 9.31 4.62
CA ILE B 44 29.32 9.69 5.26
C ILE B 44 28.94 11.06 4.72
N ILE B 45 27.67 11.26 4.39
CA ILE B 45 27.13 12.57 4.10
C ILE B 45 25.81 12.72 4.83
N PHE B 46 25.50 13.96 5.17
CA PHE B 46 24.41 14.29 6.07
C PHE B 46 23.34 15.06 5.32
N GLU B 47 22.15 15.10 5.88
CA GLU B 47 21.12 15.89 5.27
C GLU B 47 21.38 17.36 5.61
N GLU B 48 21.36 18.21 4.59
CA GLU B 48 21.90 19.56 4.70
C GLU B 48 20.87 20.59 5.12
N ASN B 49 19.58 20.29 4.96
CA ASN B 49 18.52 21.22 5.33
C ASN B 49 17.52 20.56 6.28
N MET B 50 18.00 19.98 7.38
CA MET B 50 17.15 19.47 8.46
C MET B 50 17.98 19.19 9.71
N ALA B 54 16.84 15.69 17.58
CA ALA B 54 17.10 16.05 18.99
C ALA B 54 18.61 16.25 19.17
N GLY B 55 19.10 17.25 18.46
CA GLY B 55 20.50 17.58 18.47
C GLY B 55 21.35 16.73 17.57
N ILE B 56 20.82 15.64 17.05
CA ILE B 56 21.60 14.69 16.25
C ILE B 56 21.45 14.94 14.75
N PRO B 57 22.56 14.92 14.01
CA PRO B 57 22.49 15.15 12.57
C PRO B 57 21.82 13.98 11.86
N ILE B 58 21.17 14.29 10.75
CA ILE B 58 20.48 13.28 9.97
C ILE B 58 21.45 12.71 8.92
N ILE B 59 21.81 11.43 9.07
CA ILE B 59 22.64 10.77 8.09
C ILE B 59 21.89 10.66 6.77
N LYS B 60 22.49 11.14 5.70
CA LYS B 60 21.92 10.96 4.38
C LYS B 60 22.43 9.69 3.67
N ALA B 61 23.72 9.42 3.73
CA ALA B 61 24.27 8.27 3.02
C ALA B 61 25.61 7.92 3.63
N GLY B 62 26.04 6.67 3.47
CA GLY B 62 27.34 6.30 3.98
C GLY B 62 27.64 4.88 3.59
N THR B 63 28.91 4.53 3.68
CA THR B 63 29.26 3.13 3.55
C THR B 63 28.59 2.35 4.68
N VAL B 64 28.54 1.03 4.53
CA VAL B 64 27.92 0.22 5.59
C VAL B 64 28.77 0.27 6.86
N ILE B 65 30.10 0.35 6.72
CA ILE B 65 31.01 0.53 7.85
C ILE B 65 30.63 1.78 8.65
N LYS B 66 30.45 2.91 7.95
CA LYS B 66 30.07 4.15 8.64
C LYS B 66 28.67 4.03 9.22
N LEU B 67 27.76 3.39 8.51
CA LEU B 67 26.41 3.28 9.05
C LEU B 67 26.44 2.47 10.35
N ILE B 68 27.25 1.41 10.39
CA ILE B 68 27.40 0.62 11.62
C ILE B 68 28.06 1.44 12.72
N GLU B 69 29.13 2.17 12.36
CA GLU B 69 29.72 3.10 13.31
C GLU B 69 28.65 3.98 13.95
N ARG B 70 27.91 4.75 13.14
CA ARG B 70 26.91 5.66 13.72
C ARG B 70 25.78 4.92 14.43
N LEU B 71 25.49 3.69 14.01
CA LEU B 71 24.49 2.88 14.69
C LEU B 71 24.95 2.51 16.09
N THR B 72 26.26 2.50 16.32
CA THR B 72 26.84 2.14 17.61
C THR B 72 27.81 3.22 18.05
N TYR B 73 27.41 4.47 17.91
CA TYR B 73 28.31 5.60 18.07
C TYR B 73 28.64 5.78 19.54
N HIS B 74 29.90 6.13 19.83
CA HIS B 74 30.28 6.26 21.22
C HIS B 74 29.82 7.56 21.86
N MET B 75 29.57 8.61 21.08
CA MET B 75 29.27 9.90 21.68
C MET B 75 27.84 10.04 22.16
N TYR B 76 26.89 9.27 21.61
CA TYR B 76 25.51 9.32 22.09
C TYR B 76 24.75 8.14 21.50
N ALA B 77 23.71 7.72 22.20
CA ALA B 77 22.75 6.77 21.67
C ALA B 77 21.94 7.46 20.59
N ASP B 78 21.32 6.66 19.73
CA ASP B 78 20.56 7.18 18.59
C ASP B 78 19.40 6.26 18.29
N PRO B 79 18.40 6.24 19.18
CA PRO B 79 17.32 5.26 19.02
C PRO B 79 16.60 5.35 17.71
N ASN B 80 16.48 6.56 17.15
CA ASN B 80 15.73 6.66 15.90
C ASN B 80 16.53 6.05 14.77
N PHE B 81 17.83 6.23 14.80
CA PHE B 81 18.64 5.59 13.79
C PHE B 81 18.61 4.07 13.97
N VAL B 82 18.62 3.61 15.22
CA VAL B 82 18.60 2.17 15.44
C VAL B 82 17.31 1.58 14.90
N ARG B 83 16.18 2.23 15.16
CA ARG B 83 14.89 1.70 14.72
C ARG B 83 14.78 1.69 13.20
N THR B 84 15.18 2.80 12.58
CA THR B 84 15.13 2.86 11.12
C THR B 84 16.04 1.82 10.50
N PHE B 85 17.27 1.71 11.02
CA PHE B 85 18.22 0.73 10.50
C PHE B 85 17.66 -0.67 10.60
N LEU B 86 17.22 -1.08 11.79
CA LEU B 86 16.83 -2.48 11.93
C LEU B 86 15.53 -2.76 11.21
N THR B 87 14.74 -1.72 10.91
CA THR B 87 13.57 -1.93 10.06
C THR B 87 13.93 -2.10 8.58
N THR B 88 15.02 -1.47 8.12
CA THR B 88 15.24 -1.40 6.68
C THR B 88 16.56 -1.94 6.15
N TYR B 89 17.46 -2.49 6.98
CA TYR B 89 18.81 -2.77 6.51
C TYR B 89 18.89 -3.90 5.48
N ARG B 90 17.89 -4.77 5.40
CA ARG B 90 18.09 -5.99 4.60
C ARG B 90 18.23 -5.69 3.11
N SER B 91 17.78 -4.52 2.63
CA SER B 91 17.99 -4.16 1.22
C SER B 91 19.47 -4.02 0.90
N PHE B 92 20.30 -3.60 1.88
CA PHE B 92 21.73 -3.36 1.59
C PHE B 92 22.68 -4.20 2.39
N CYS B 93 22.20 -4.99 3.36
CA CYS B 93 23.09 -5.81 4.18
C CYS B 93 22.35 -7.07 4.60
N LYS B 94 23.00 -8.17 4.48
CA LYS B 94 22.28 -9.37 4.87
C LYS B 94 22.37 -9.60 6.36
N PRO B 95 21.37 -10.27 6.95
CA PRO B 95 21.40 -10.47 8.43
C PRO B 95 22.70 -11.06 8.94
N GLN B 96 23.23 -12.11 8.29
CA GLN B 96 24.49 -12.70 8.73
C GLN B 96 25.63 -11.68 8.67
N GLU B 97 25.62 -10.82 7.65
CA GLU B 97 26.64 -9.77 7.53
C GLU B 97 26.51 -8.75 8.64
N LEU B 98 25.28 -8.35 8.97
CA LEU B 98 25.10 -7.39 10.06
C LEU B 98 25.61 -7.96 11.38
N LEU B 99 25.26 -9.22 11.68
CA LEU B 99 25.76 -9.83 12.89
C LEU B 99 27.29 -9.82 12.90
N SER B 100 27.91 -10.18 11.77
CA SER B 100 29.37 -10.16 11.70
C SER B 100 29.91 -8.75 11.94
N LEU B 101 29.22 -7.75 11.40
CA LEU B 101 29.73 -6.38 11.49
C LEU B 101 29.61 -5.83 12.90
N ILE B 102 28.53 -6.14 13.60
CA ILE B 102 28.44 -5.59 14.95
C ILE B 102 29.29 -6.40 15.93
N ILE B 103 29.53 -7.69 15.65
CA ILE B 103 30.57 -8.40 16.40
C ILE B 103 31.93 -7.75 16.19
N GLU B 104 32.27 -7.44 14.92
CA GLU B 104 33.55 -6.81 14.65
C GLU B 104 33.67 -5.48 15.37
N ARG B 105 32.64 -4.65 15.29
CA ARG B 105 32.58 -3.40 16.04
C ARG B 105 32.83 -3.61 17.53
N PHE B 106 32.25 -4.66 18.10
CA PHE B 106 32.37 -4.89 19.54
C PHE B 106 33.81 -5.17 19.96
N GLU B 107 34.56 -5.91 19.12
CA GLU B 107 35.91 -6.37 19.48
C GLU B 107 36.93 -5.28 19.15
N ILE B 108 37.01 -4.29 20.03
CA ILE B 108 37.84 -3.11 19.82
C ILE B 108 39.25 -3.40 20.34
N PRO B 109 40.29 -3.28 19.51
CA PRO B 109 41.65 -3.40 20.02
C PRO B 109 42.14 -2.06 20.55
N GLU B 110 43.08 -2.12 21.50
CA GLU B 110 43.57 -0.87 22.08
C GLU B 110 44.75 -0.32 21.29
N PRO B 111 45.02 0.98 21.38
CA PRO B 111 46.20 1.55 20.71
C PRO B 111 47.52 1.15 21.40
N ALA B 130 47.31 4.93 32.12
CA ALA B 130 47.73 5.98 31.16
C ALA B 130 46.49 6.69 30.62
N GLU B 131 46.46 6.93 29.31
CA GLU B 131 45.31 7.55 28.61
C GLU B 131 44.38 6.45 28.10
N LEU B 132 44.75 5.19 28.35
CA LEU B 132 43.92 4.03 27.98
C LEU B 132 42.68 4.06 28.87
N LYS B 133 42.85 4.45 30.14
CA LYS B 133 41.72 4.54 31.10
C LYS B 133 40.58 5.38 30.50
N ARG B 134 40.89 6.53 29.91
CA ARG B 134 39.84 7.37 29.27
C ARG B 134 39.29 6.62 28.07
N PHE B 135 40.16 6.01 27.26
CA PHE B 135 39.73 5.26 26.06
C PHE B 135 38.72 4.19 26.47
N ARG B 136 39.06 3.38 27.46
CA ARG B 136 38.13 2.34 27.92
C ARG B 136 36.84 2.97 28.41
N LYS B 137 36.92 4.12 29.08
CA LYS B 137 35.73 4.70 29.69
C LYS B 137 34.82 5.32 28.63
N GLU B 138 35.39 6.06 27.70
CA GLU B 138 34.62 6.85 26.73
C GLU B 138 34.65 6.28 25.30
N TYR B 139 35.25 5.11 25.08
CA TYR B 139 35.13 4.54 23.75
C TYR B 139 34.70 3.08 23.80
N ILE B 140 35.53 2.23 24.39
CA ILE B 140 35.20 0.80 24.44
C ILE B 140 33.84 0.60 25.09
N GLN B 141 33.68 1.13 26.30
CA GLN B 141 32.48 0.84 27.09
C GLN B 141 31.23 1.30 26.37
N PRO B 142 31.13 2.55 25.93
CA PRO B 142 29.87 2.97 25.28
C PRO B 142 29.64 2.26 23.96
N VAL B 143 30.68 2.01 23.15
CA VAL B 143 30.45 1.32 21.88
C VAL B 143 29.93 -0.09 22.14
N GLN B 144 30.50 -0.79 23.12
CA GLN B 144 30.00 -2.13 23.40
C GLN B 144 28.57 -2.09 23.94
N LEU B 145 28.24 -1.12 24.79
CA LEU B 145 26.86 -1.04 25.23
C LEU B 145 25.93 -0.78 24.05
N ARG B 146 26.37 0.05 23.10
CA ARG B 146 25.53 0.30 21.93
C ARG B 146 25.35 -0.97 21.10
N VAL B 147 26.40 -1.78 20.99
CA VAL B 147 26.28 -3.05 20.29
C VAL B 147 25.24 -3.93 20.97
N LEU B 148 25.29 -4.03 22.31
CA LEU B 148 24.32 -4.87 22.99
C LEU B 148 22.91 -4.30 22.84
N ASN B 149 22.79 -2.97 22.83
CA ASN B 149 21.49 -2.34 22.61
C ASN B 149 20.93 -2.73 21.23
N VAL B 150 21.77 -2.67 20.20
CA VAL B 150 21.35 -3.12 18.87
C VAL B 150 20.90 -4.57 18.90
N CYS B 151 21.72 -5.45 19.51
CA CYS B 151 21.30 -6.85 19.60
C CYS B 151 19.92 -6.97 20.25
N ARG B 152 19.71 -6.21 21.32
CA ARG B 152 18.48 -6.29 22.09
C ARG B 152 17.29 -5.85 21.25
N HIS B 153 17.42 -4.71 20.57
CA HIS B 153 16.34 -4.23 19.69
C HIS B 153 16.12 -5.21 18.53
N TRP B 154 17.18 -5.79 18.00
CA TRP B 154 17.08 -6.75 16.90
C TRP B 154 16.26 -7.96 17.30
N VAL B 155 16.64 -8.58 18.41
CA VAL B 155 15.96 -9.78 18.86
C VAL B 155 14.56 -9.47 19.34
N GLU B 156 14.33 -8.25 19.83
CA GLU B 156 13.02 -7.92 20.38
C GLU B 156 12.01 -7.56 19.30
N HIS B 157 12.38 -6.71 18.38
CA HIS B 157 11.39 -6.22 17.45
C HIS B 157 11.48 -6.84 16.08
N HIS B 158 12.58 -7.53 15.78
CA HIS B 158 12.80 -8.13 14.46
C HIS B 158 13.21 -9.59 14.59
N PHE B 159 12.55 -10.32 15.48
CA PHE B 159 12.97 -11.69 15.74
C PHE B 159 12.80 -12.58 14.53
N TYR B 160 11.97 -12.17 13.55
CA TYR B 160 11.76 -12.99 12.38
C TYR B 160 13.06 -13.32 11.65
N ASP B 161 14.07 -12.43 11.71
CA ASP B 161 15.36 -12.77 11.11
C ASP B 161 15.89 -14.07 11.69
N PHE B 162 15.76 -14.24 13.01
CA PHE B 162 16.26 -15.43 13.68
C PHE B 162 15.35 -16.62 13.43
N GLU B 163 14.02 -16.41 13.32
CA GLU B 163 13.16 -17.56 13.10
C GLU B 163 13.36 -18.17 11.73
N ARG B 164 13.94 -17.42 10.80
CA ARG B 164 14.12 -17.91 9.44
C ARG B 164 15.55 -18.35 9.16
N ASP B 165 16.48 -18.09 10.07
CA ASP B 165 17.88 -18.52 9.93
C ASP B 165 18.35 -18.96 11.32
N ALA B 166 18.07 -20.22 11.68
CA ALA B 166 18.53 -20.77 12.94
C ALA B 166 20.02 -20.56 13.14
N TYR B 167 20.82 -20.64 12.07
CA TYR B 167 22.25 -20.42 12.26
C TYR B 167 22.52 -18.98 12.73
N LEU B 168 21.73 -18.01 12.26
CA LEU B 168 21.84 -16.64 12.78
C LEU B 168 21.62 -16.61 14.29
N LEU B 169 20.61 -17.33 14.78
CA LEU B 169 20.36 -17.38 16.21
C LEU B 169 21.48 -18.12 16.96
N GLN B 170 22.04 -19.18 16.36
CA GLN B 170 23.20 -19.84 16.95
C GLN B 170 24.34 -18.85 17.15
N ARG B 171 24.69 -18.12 16.08
CA ARG B 171 25.78 -17.15 16.17
C ARG B 171 25.49 -16.09 17.23
N MET B 172 24.24 -15.65 17.33
CA MET B 172 23.91 -14.60 18.27
C MET B 172 24.07 -15.09 19.71
N GLU B 173 23.57 -16.29 20.00
CA GLU B 173 23.74 -16.82 21.35
C GLU B 173 25.21 -17.08 21.66
N GLU B 174 25.98 -17.57 20.69
CA GLU B 174 27.42 -17.67 20.93
C GLU B 174 27.98 -16.32 21.31
N PHE B 175 27.72 -15.32 20.48
CA PHE B 175 28.31 -14.01 20.71
C PHE B 175 27.97 -13.51 22.11
N ILE B 176 26.68 -13.49 22.45
CA ILE B 176 26.25 -13.03 23.77
C ILE B 176 26.95 -13.82 24.86
N GLY B 177 27.14 -15.14 24.64
CA GLY B 177 27.79 -15.97 25.64
C GLY B 177 29.23 -15.60 25.88
N THR B 178 29.93 -15.16 24.83
CA THR B 178 31.32 -14.71 25.00
C THR B 178 31.45 -13.38 25.74
N VAL B 179 30.36 -12.64 25.96
CA VAL B 179 30.45 -11.29 26.49
C VAL B 179 30.69 -11.38 27.97
N ARG B 180 31.90 -11.01 28.41
CA ARG B 180 32.27 -11.08 29.82
C ARG B 180 32.60 -9.67 30.27
N GLY B 181 31.69 -9.07 31.04
CA GLY B 181 31.90 -7.75 31.57
C GLY B 181 30.94 -7.53 32.72
N LYS B 182 31.33 -6.66 33.63
CA LYS B 182 30.41 -6.36 34.71
C LYS B 182 29.41 -5.31 34.30
N ALA B 183 29.85 -4.29 33.56
CA ALA B 183 28.91 -3.33 32.97
C ALA B 183 27.96 -4.00 31.98
N MET B 184 28.42 -5.09 31.34
CA MET B 184 27.61 -5.78 30.32
C MET B 184 26.57 -6.73 30.91
N LYS B 185 26.86 -7.32 32.09
CA LYS B 185 26.09 -8.45 32.58
C LYS B 185 24.58 -8.20 32.53
N LYS B 186 24.13 -7.02 32.98
CA LYS B 186 22.69 -6.77 33.02
C LYS B 186 22.09 -6.76 31.61
N TRP B 187 22.78 -6.15 30.63
CA TRP B 187 22.26 -6.14 29.27
C TRP B 187 22.28 -7.53 28.66
N VAL B 188 23.37 -8.28 28.91
CA VAL B 188 23.48 -9.65 28.40
C VAL B 188 22.34 -10.51 28.92
N GLU B 189 22.07 -10.44 30.21
CA GLU B 189 20.98 -11.23 30.77
C GLU B 189 19.64 -10.81 30.18
N SER B 190 19.43 -9.50 29.98
CA SER B 190 18.17 -9.06 29.37
C SER B 190 18.02 -9.63 27.94
N ILE B 191 19.08 -9.59 27.16
CA ILE B 191 19.03 -10.15 25.81
C ILE B 191 18.68 -11.64 25.87
N THR B 192 19.35 -12.39 26.74
CA THR B 192 19.08 -13.82 26.86
C THR B 192 17.64 -14.08 27.25
N LYS B 193 17.12 -13.30 28.17
CA LYS B 193 15.72 -13.44 28.55
C LYS B 193 14.83 -13.29 27.33
N ILE B 194 15.00 -12.19 26.57
CA ILE B 194 14.15 -11.95 25.40
C ILE B 194 14.24 -13.12 24.42
N ILE B 195 15.47 -13.53 24.09
CA ILE B 195 15.66 -14.64 23.16
C ILE B 195 14.88 -15.86 23.63
N GLN B 196 14.96 -16.15 24.93
CA GLN B 196 14.25 -17.30 25.48
C GLN B 196 12.73 -17.14 25.38
N ARG B 197 12.24 -15.93 25.60
CA ARG B 197 10.80 -15.74 25.49
C ARG B 197 10.33 -15.89 24.04
N LYS B 198 11.17 -15.47 23.08
CA LYS B 198 10.76 -15.48 21.68
C LYS B 198 10.70 -16.89 21.10
N LYS B 199 11.40 -17.85 21.72
CA LYS B 199 11.30 -19.25 21.32
C LYS B 199 10.09 -19.92 21.98
N ILE B 200 8.90 -19.45 21.62
CA ILE B 200 7.66 -19.89 22.27
C ILE B 200 6.42 -19.38 21.53
N SER B 214 -12.96 -0.13 28.78
CA SER B 214 -14.32 0.42 28.96
C SER B 214 -15.42 -0.62 28.66
N SER B 215 -16.66 -0.15 28.44
CA SER B 215 -17.83 -1.02 28.36
C SER B 215 -18.49 -0.94 26.98
N PRO B 216 -18.63 -2.07 26.27
CA PRO B 216 -19.03 -2.03 24.86
C PRO B 216 -20.53 -1.96 24.71
N PRO B 217 -21.02 -1.35 23.63
CA PRO B 217 -22.46 -1.20 23.45
C PRO B 217 -23.12 -2.53 23.20
N THR B 218 -24.44 -2.54 23.32
CA THR B 218 -25.18 -3.78 23.17
C THR B 218 -25.20 -4.20 21.71
N VAL B 219 -25.07 -5.51 21.48
CA VAL B 219 -25.16 -6.06 20.15
C VAL B 219 -26.56 -5.89 19.60
N GLU B 220 -26.68 -5.37 18.36
CA GLU B 220 -27.97 -5.09 17.74
C GLU B 220 -28.41 -6.24 16.84
N TRP B 221 -29.73 -6.47 16.81
CA TRP B 221 -30.36 -7.51 16.02
C TRP B 221 -31.55 -6.94 15.27
N HIS B 222 -31.76 -7.42 14.04
CA HIS B 222 -32.89 -6.96 13.24
C HIS B 222 -34.00 -7.97 12.96
N ILE B 223 -33.90 -8.69 11.83
CA ILE B 223 -34.84 -9.77 11.55
C ILE B 223 -34.28 -11.13 11.97
N SER B 224 -33.01 -11.39 11.71
CA SER B 224 -32.43 -12.66 12.15
C SER B 224 -32.27 -12.63 13.67
N ARG B 225 -32.60 -13.76 14.32
CA ARG B 225 -32.40 -13.70 15.77
C ARG B 225 -31.09 -14.37 16.16
N PRO B 226 -30.56 -14.08 17.34
CA PRO B 226 -29.33 -14.74 17.79
C PRO B 226 -29.42 -16.25 17.59
N GLY B 227 -28.35 -16.83 17.03
CA GLY B 227 -28.30 -18.24 16.74
C GLY B 227 -28.83 -18.64 15.37
N HIS B 228 -29.71 -17.84 14.76
CA HIS B 228 -30.35 -18.18 13.49
C HIS B 228 -29.41 -17.84 12.33
N ILE B 229 -28.20 -18.42 12.37
CA ILE B 229 -27.18 -18.36 11.32
C ILE B 229 -27.78 -18.49 9.93
N GLU B 230 -28.77 -19.37 9.81
CA GLU B 230 -29.23 -19.78 8.49
C GLU B 230 -29.94 -18.65 7.75
N THR B 231 -30.45 -17.66 8.49
CA THR B 231 -31.14 -16.52 7.91
C THR B 231 -30.24 -15.29 7.75
N PHE B 232 -29.01 -15.31 8.28
CA PHE B 232 -28.11 -14.17 8.15
C PHE B 232 -28.00 -13.72 6.70
N ASP B 233 -28.22 -12.43 6.46
CA ASP B 233 -28.03 -11.85 5.13
C ASP B 233 -27.92 -10.33 5.27
N LEU B 234 -27.72 -9.66 4.13
CA LEU B 234 -27.48 -8.22 4.16
C LEU B 234 -28.63 -7.44 4.78
N LEU B 235 -29.87 -7.88 4.52
CA LEU B 235 -31.04 -7.14 4.96
C LEU B 235 -31.62 -7.66 6.27
N THR B 236 -31.26 -8.87 6.68
CA THR B 236 -31.79 -9.49 7.88
C THR B 236 -30.94 -9.26 9.10
N LEU B 237 -29.63 -9.07 8.95
CA LEU B 237 -28.84 -8.64 10.10
C LEU B 237 -29.04 -7.15 10.30
N HIS B 238 -28.77 -6.68 11.50
CA HIS B 238 -28.93 -5.26 11.77
C HIS B 238 -27.78 -4.50 11.12
N PRO B 239 -28.06 -3.42 10.38
CA PRO B 239 -26.95 -2.71 9.69
C PRO B 239 -25.87 -2.19 10.65
N ILE B 240 -26.24 -1.63 11.82
CA ILE B 240 -25.20 -1.24 12.77
C ILE B 240 -24.26 -2.42 13.06
N GLU B 241 -24.85 -3.60 13.29
CA GLU B 241 -24.03 -4.72 13.73
C GLU B 241 -23.17 -5.25 12.60
N ILE B 242 -23.68 -5.18 11.36
CA ILE B 242 -22.85 -5.53 10.22
C ILE B 242 -21.62 -4.64 10.21
N ALA B 243 -21.83 -3.33 10.35
CA ALA B 243 -20.70 -2.42 10.28
C ALA B 243 -19.74 -2.66 11.44
N ARG B 244 -20.26 -2.99 12.63
CA ARG B 244 -19.41 -3.22 13.79
C ARG B 244 -18.57 -4.48 13.64
N GLN B 245 -19.21 -5.59 13.26
CA GLN B 245 -18.45 -6.84 13.11
C GLN B 245 -17.49 -6.79 11.93
N LEU B 246 -17.86 -6.11 10.82
CA LEU B 246 -16.90 -5.92 9.74
C LEU B 246 -15.75 -5.03 10.19
N THR B 247 -16.02 -4.07 11.09
CA THR B 247 -14.94 -3.22 11.59
C THR B 247 -14.03 -4.03 12.48
N LEU B 248 -14.56 -4.92 13.30
CA LEU B 248 -13.68 -5.76 14.12
C LEU B 248 -12.80 -6.63 13.23
N LEU B 249 -13.40 -7.30 12.25
CA LEU B 249 -12.61 -8.10 11.30
C LEU B 249 -11.52 -7.28 10.61
N GLU B 250 -11.88 -6.11 10.11
CA GLU B 250 -10.96 -5.37 9.27
C GLU B 250 -9.91 -4.70 10.12
N SER B 251 -10.26 -4.41 11.37
CA SER B 251 -9.28 -3.85 12.29
C SER B 251 -8.24 -4.87 12.66
N ASP B 252 -8.67 -6.11 12.97
CA ASP B 252 -7.68 -7.15 13.21
C ASP B 252 -6.83 -7.40 11.97
N LEU B 253 -7.44 -7.40 10.79
CA LEU B 253 -6.67 -7.62 9.56
C LEU B 253 -5.61 -6.54 9.38
N TYR B 254 -6.01 -5.28 9.59
CA TYR B 254 -5.08 -4.17 9.54
C TYR B 254 -3.95 -4.33 10.55
N ARG B 255 -4.28 -4.74 11.79
CA ARG B 255 -3.30 -4.79 12.87
C ARG B 255 -2.30 -5.94 12.72
N ALA B 256 -2.65 -7.00 12.01
CA ALA B 256 -1.72 -8.11 11.89
C ALA B 256 -0.60 -7.87 10.89
N VAL B 257 -0.63 -6.78 10.10
CA VAL B 257 0.34 -6.61 9.03
C VAL B 257 1.64 -6.09 9.61
N GLN B 258 2.71 -6.76 9.33
CA GLN B 258 3.99 -6.36 9.92
C GLN B 258 4.81 -5.58 8.90
N PRO B 259 5.72 -4.73 9.34
CA PRO B 259 6.64 -4.09 8.38
C PRO B 259 7.40 -5.09 7.52
N SER B 260 7.67 -6.30 8.00
CA SER B 260 8.44 -7.25 7.19
C SER B 260 7.71 -7.66 5.92
N GLU B 261 6.40 -7.46 5.85
CA GLU B 261 5.64 -7.72 4.64
C GLU B 261 5.65 -6.54 3.67
N LEU B 262 6.29 -5.43 4.02
CA LEU B 262 6.13 -4.16 3.34
C LEU B 262 7.45 -3.59 2.87
N VAL B 263 8.47 -3.61 3.73
CA VAL B 263 9.76 -3.09 3.32
C VAL B 263 10.29 -3.94 2.17
N GLY B 264 10.91 -3.30 1.21
CA GLY B 264 11.40 -4.05 0.07
C GLY B 264 10.36 -4.28 -1.00
N SER B 265 9.15 -3.72 -0.82
CA SER B 265 8.04 -3.89 -1.77
C SER B 265 7.73 -5.36 -2.01
N VAL B 266 7.95 -6.20 -0.99
CA VAL B 266 7.89 -7.64 -1.24
C VAL B 266 6.47 -8.11 -1.56
N TRP B 267 5.42 -7.33 -1.21
CA TRP B 267 4.08 -7.80 -1.54
C TRP B 267 3.79 -7.73 -3.04
N THR B 268 4.70 -7.11 -3.83
CA THR B 268 4.54 -7.01 -5.28
C THR B 268 5.40 -8.04 -6.04
N LYS B 269 6.23 -8.80 -5.34
CA LYS B 269 7.21 -9.64 -6.00
C LYS B 269 6.75 -11.09 -6.05
N GLU B 270 7.55 -11.93 -6.71
CA GLU B 270 7.04 -13.27 -7.02
C GLU B 270 6.76 -14.09 -5.75
N ASP B 271 7.43 -13.78 -4.64
CA ASP B 271 7.22 -14.49 -3.37
C ASP B 271 6.24 -13.81 -2.44
N LYS B 272 5.40 -12.90 -2.97
CA LYS B 272 4.46 -12.16 -2.15
C LYS B 272 3.64 -13.07 -1.21
N GLU B 273 3.14 -14.21 -1.73
CA GLU B 273 2.33 -15.10 -0.90
C GLU B 273 3.08 -15.57 0.34
N ILE B 274 4.40 -15.71 0.24
CA ILE B 274 5.25 -16.14 1.36
C ILE B 274 5.59 -14.96 2.27
N ASN B 275 5.94 -13.82 1.68
CA ASN B 275 6.48 -12.71 2.45
C ASN B 275 5.43 -11.74 2.96
N SER B 276 4.23 -11.71 2.38
CA SER B 276 3.21 -10.72 2.77
C SER B 276 1.84 -11.36 3.01
N PRO B 277 1.80 -12.48 3.78
CA PRO B 277 0.53 -13.24 3.90
C PRO B 277 -0.59 -12.50 4.59
N ASN B 278 -0.29 -11.70 5.62
CA ASN B 278 -1.34 -10.96 6.32
C ASN B 278 -1.83 -9.78 5.48
N LEU B 279 -0.92 -9.07 4.83
CA LEU B 279 -1.33 -7.98 3.94
C LEU B 279 -2.27 -8.51 2.86
N LEU B 280 -1.87 -9.58 2.16
CA LEU B 280 -2.72 -10.13 1.12
C LEU B 280 -4.05 -10.60 1.69
N LYS B 281 -4.05 -11.22 2.86
CA LYS B 281 -5.32 -11.68 3.42
C LYS B 281 -6.24 -10.49 3.69
N MET B 282 -5.66 -9.38 4.17
CA MET B 282 -6.44 -8.17 4.44
C MET B 282 -7.06 -7.63 3.16
N ILE B 283 -6.22 -7.44 2.14
CA ILE B 283 -6.72 -6.92 0.87
C ILE B 283 -7.80 -7.83 0.32
N ARG B 284 -7.57 -9.14 0.38
CA ARG B 284 -8.52 -10.09 -0.19
C ARG B 284 -9.87 -10.03 0.51
N HIS B 285 -9.87 -9.79 1.82
CA HIS B 285 -11.13 -9.55 2.52
C HIS B 285 -11.82 -8.30 1.99
N THR B 286 -11.08 -7.20 1.86
CA THR B 286 -11.67 -5.96 1.34
C THR B 286 -12.30 -6.19 -0.05
N THR B 287 -11.54 -6.81 -0.96
CA THR B 287 -12.06 -7.15 -2.30
C THR B 287 -13.31 -8.00 -2.21
N ASN B 288 -13.26 -9.02 -1.37
CA ASN B 288 -14.41 -9.87 -1.16
C ASN B 288 -15.65 -9.09 -0.74
N LEU B 289 -15.51 -8.15 0.20
CA LEU B 289 -16.70 -7.42 0.64
C LEU B 289 -17.24 -6.51 -0.46
N THR B 290 -16.34 -5.85 -1.21
CA THR B 290 -16.80 -5.03 -2.34
C THR B 290 -17.60 -5.87 -3.32
N LEU B 291 -17.02 -6.99 -3.75
CA LEU B 291 -17.73 -7.87 -4.67
C LEU B 291 -19.05 -8.37 -4.08
N TRP B 292 -19.09 -8.70 -2.79
CA TRP B 292 -20.36 -9.13 -2.21
C TRP B 292 -21.41 -8.02 -2.25
N PHE B 293 -21.01 -6.77 -1.99
CA PHE B 293 -21.93 -5.64 -2.10
C PHE B 293 -22.50 -5.51 -3.50
N GLU B 294 -21.62 -5.59 -4.52
CA GLU B 294 -22.10 -5.50 -5.90
C GLU B 294 -23.03 -6.65 -6.23
N LYS B 295 -22.66 -7.86 -5.80
CA LYS B 295 -23.48 -9.05 -6.00
C LYS B 295 -24.87 -8.86 -5.39
N CYS B 296 -24.93 -8.45 -4.11
CA CYS B 296 -26.22 -8.23 -3.45
C CYS B 296 -27.07 -7.29 -4.28
N ILE B 297 -26.44 -6.26 -4.85
CA ILE B 297 -27.21 -5.27 -5.62
C ILE B 297 -27.73 -5.86 -6.93
N VAL B 298 -26.84 -6.34 -7.81
CA VAL B 298 -27.32 -6.74 -9.14
C VAL B 298 -28.13 -8.03 -9.13
N GLU B 299 -27.98 -8.91 -8.12
CA GLU B 299 -28.86 -10.09 -8.02
C GLU B 299 -30.20 -9.78 -7.37
N THR B 300 -30.41 -8.56 -6.90
CA THR B 300 -31.75 -8.13 -6.49
C THR B 300 -32.42 -7.49 -7.71
N GLU B 301 -33.22 -8.27 -8.44
CA GLU B 301 -33.70 -7.83 -9.74
C GLU B 301 -34.95 -6.97 -9.66
N ASN B 302 -35.75 -7.15 -8.62
CA ASN B 302 -36.84 -6.22 -8.39
C ASN B 302 -36.29 -4.84 -8.03
N LEU B 303 -36.80 -3.80 -8.69
CA LEU B 303 -36.25 -2.44 -8.52
C LEU B 303 -36.42 -1.93 -7.09
N GLU B 304 -37.63 -2.02 -6.53
CA GLU B 304 -37.89 -1.56 -5.16
C GLU B 304 -36.96 -2.27 -4.17
N GLU B 305 -36.82 -3.60 -4.30
CA GLU B 305 -35.92 -4.31 -3.40
C GLU B 305 -34.48 -3.89 -3.61
N ARG B 306 -34.11 -3.56 -4.84
CA ARG B 306 -32.72 -3.16 -5.13
C ARG B 306 -32.46 -1.82 -4.45
N VAL B 307 -33.42 -0.93 -4.52
CA VAL B 307 -33.33 0.36 -3.83
C VAL B 307 -33.16 0.15 -2.32
N ALA B 308 -33.88 -0.82 -1.76
CA ALA B 308 -33.70 -1.10 -0.35
C ALA B 308 -32.30 -1.65 -0.05
N VAL B 309 -31.78 -2.53 -0.92
CA VAL B 309 -30.43 -3.07 -0.74
C VAL B 309 -29.37 -1.97 -0.79
N VAL B 310 -29.40 -1.15 -1.84
CA VAL B 310 -28.42 -0.06 -1.99
C VAL B 310 -28.53 0.89 -0.82
N SER B 311 -29.74 1.14 -0.36
CA SER B 311 -29.97 2.02 0.78
C SER B 311 -29.39 1.43 2.08
N ARG B 312 -29.59 0.11 2.29
CA ARG B 312 -29.00 -0.50 3.49
C ARG B 312 -27.48 -0.43 3.45
N ILE B 313 -26.90 -0.60 2.27
CA ILE B 313 -25.44 -0.53 2.14
C ILE B 313 -24.94 0.87 2.42
N ILE B 314 -25.70 1.88 2.01
CA ILE B 314 -25.31 3.23 2.40
C ILE B 314 -25.43 3.42 3.92
N GLU B 315 -26.39 2.77 4.58
CA GLU B 315 -26.44 2.92 6.05
C GLU B 315 -25.24 2.26 6.70
N ILE B 316 -24.82 1.11 6.17
CA ILE B 316 -23.62 0.46 6.66
C ILE B 316 -22.43 1.40 6.48
N LEU B 317 -22.35 2.07 5.32
CA LEU B 317 -21.30 3.06 5.09
C LEU B 317 -21.34 4.19 6.13
N GLN B 318 -22.51 4.72 6.40
CA GLN B 318 -22.63 5.73 7.43
C GLN B 318 -22.05 5.25 8.77
N VAL B 319 -22.41 4.05 9.21
CA VAL B 319 -21.84 3.54 10.47
C VAL B 319 -20.33 3.34 10.36
N PHE B 320 -19.83 2.85 9.19
CA PHE B 320 -18.38 2.79 8.99
C PHE B 320 -17.77 4.15 9.25
N GLN B 321 -18.40 5.21 8.72
CA GLN B 321 -17.87 6.55 8.94
C GLN B 321 -17.87 6.88 10.43
N GLU B 322 -18.97 6.57 11.13
CA GLU B 322 -19.02 6.82 12.57
C GLU B 322 -17.88 6.13 13.30
N LEU B 323 -17.49 4.95 12.85
CA LEU B 323 -16.41 4.20 13.49
C LEU B 323 -15.02 4.55 12.98
N ASN B 324 -14.88 5.52 12.07
CA ASN B 324 -13.61 5.74 11.39
C ASN B 324 -13.06 4.45 10.77
N ASN B 325 -13.92 3.61 10.20
CA ASN B 325 -13.40 2.48 9.43
C ASN B 325 -13.32 2.88 7.96
N PHE B 326 -12.18 3.49 7.58
CA PHE B 326 -12.01 3.97 6.21
C PHE B 326 -11.80 2.81 5.21
N ASN B 327 -11.27 1.68 5.65
CA ASN B 327 -11.32 0.52 4.78
C ASN B 327 -12.75 0.16 4.43
N GLY B 328 -13.64 0.17 5.42
CA GLY B 328 -15.06 -0.10 5.15
C GLY B 328 -15.70 0.96 4.28
N VAL B 329 -15.40 2.24 4.56
CA VAL B 329 -15.90 3.31 3.71
C VAL B 329 -15.55 3.01 2.27
N LEU B 330 -14.29 2.68 2.01
CA LEU B 330 -13.84 2.51 0.64
C LEU B 330 -14.29 1.18 0.03
N GLU B 331 -14.55 0.14 0.82
CA GLU B 331 -15.23 -1.04 0.28
C GLU B 331 -16.54 -0.64 -0.35
N VAL B 332 -17.27 0.21 0.35
CA VAL B 332 -18.57 0.61 -0.17
C VAL B 332 -18.38 1.51 -1.37
N VAL B 333 -17.46 2.45 -1.27
CA VAL B 333 -17.30 3.41 -2.34
C VAL B 333 -16.84 2.70 -3.60
N SER B 334 -15.98 1.69 -3.45
CA SER B 334 -15.52 0.96 -4.62
C SER B 334 -16.66 0.17 -5.23
N ALA B 335 -17.53 -0.40 -4.40
CA ALA B 335 -18.70 -1.08 -4.97
C ALA B 335 -19.59 -0.11 -5.72
N MET B 336 -19.85 1.08 -5.14
CA MET B 336 -20.75 2.01 -5.83
C MET B 336 -20.14 2.53 -7.13
N ASN B 337 -18.81 2.56 -7.24
CA ASN B 337 -18.16 3.00 -8.45
C ASN B 337 -17.99 1.88 -9.48
N SER B 338 -18.35 0.65 -9.14
CA SER B 338 -18.08 -0.43 -10.08
C SER B 338 -18.97 -0.27 -11.31
N SER B 339 -18.48 -0.76 -12.43
CA SER B 339 -19.29 -0.75 -13.66
C SER B 339 -20.68 -1.32 -13.49
N PRO B 340 -20.90 -2.43 -12.79
CA PRO B 340 -22.25 -3.00 -12.77
C PRO B 340 -23.23 -2.18 -11.97
N VAL B 341 -22.74 -1.44 -10.98
CA VAL B 341 -23.60 -0.68 -10.07
C VAL B 341 -23.70 0.79 -10.48
N TYR B 342 -22.59 1.41 -10.86
CA TYR B 342 -22.60 2.83 -11.18
C TYR B 342 -23.64 3.21 -12.23
N ARG B 343 -23.94 2.33 -13.18
CA ARG B 343 -24.89 2.65 -14.24
C ARG B 343 -26.37 2.42 -13.85
N LEU B 344 -26.69 2.06 -12.62
CA LEU B 344 -28.07 1.72 -12.26
C LEU B 344 -28.86 3.00 -11.91
N ASP B 345 -29.13 3.81 -12.96
CA ASP B 345 -29.78 5.12 -12.79
C ASP B 345 -31.16 4.97 -12.16
N HIS B 346 -31.92 3.94 -12.54
CA HIS B 346 -33.26 3.85 -11.97
C HIS B 346 -33.21 3.55 -10.48
N THR B 347 -32.13 2.91 -10.03
CA THR B 347 -32.00 2.61 -8.60
C THR B 347 -31.57 3.85 -7.81
N PHE B 348 -30.52 4.54 -8.25
CA PHE B 348 -30.11 5.74 -7.52
C PHE B 348 -31.18 6.82 -7.55
N GLU B 349 -32.02 6.82 -8.60
CA GLU B 349 -33.14 7.74 -8.64
C GLU B 349 -33.96 7.71 -7.35
N GLN B 350 -34.23 6.52 -6.79
CA GLN B 350 -35.09 6.39 -5.62
C GLN B 350 -34.33 6.42 -4.30
N ILE B 351 -33.02 6.57 -4.32
CA ILE B 351 -32.30 6.71 -3.06
C ILE B 351 -32.63 8.08 -2.45
N PRO B 352 -33.08 8.14 -1.19
CA PRO B 352 -33.37 9.44 -0.57
C PRO B 352 -32.16 10.35 -0.54
N SER B 353 -32.41 11.65 -0.69
CA SER B 353 -31.32 12.62 -0.92
C SER B 353 -30.32 12.65 0.24
N ARG B 354 -30.76 12.32 1.44
CA ARG B 354 -29.83 12.32 2.56
C ARG B 354 -28.78 11.23 2.38
N GLN B 355 -29.23 10.02 2.02
CA GLN B 355 -28.28 8.96 1.73
C GLN B 355 -27.44 9.27 0.49
N LYS B 356 -28.02 9.93 -0.53
CA LYS B 356 -27.18 10.36 -1.65
C LYS B 356 -26.04 11.22 -1.16
N LYS B 357 -26.33 12.12 -0.20
CA LYS B 357 -25.29 13.02 0.34
C LYS B 357 -24.25 12.26 1.14
N ILE B 358 -24.69 11.29 1.94
CA ILE B 358 -23.76 10.43 2.65
C ILE B 358 -22.79 9.75 1.67
N LEU B 359 -23.34 9.15 0.63
CA LEU B 359 -22.49 8.46 -0.34
C LEU B 359 -21.62 9.46 -1.07
N GLU B 360 -22.15 10.65 -1.32
CA GLU B 360 -21.39 11.66 -2.06
C GLU B 360 -20.17 12.10 -1.26
N GLU B 361 -20.35 12.34 0.03
CA GLU B 361 -19.25 12.76 0.90
C GLU B 361 -18.17 11.67 0.95
N ALA B 362 -18.61 10.40 1.14
CA ALA B 362 -17.67 9.29 1.14
C ALA B 362 -16.88 9.21 -0.17
N HIS B 363 -17.57 9.23 -1.33
CA HIS B 363 -16.85 9.21 -2.60
C HIS B 363 -15.86 10.35 -2.70
N GLU B 364 -16.28 11.55 -2.28
CA GLU B 364 -15.37 12.68 -2.40
C GLU B 364 -14.10 12.49 -1.59
N LEU B 365 -14.11 11.61 -0.58
CA LEU B 365 -12.85 11.30 0.11
C LEU B 365 -11.76 10.82 -0.86
N SER B 366 -12.13 10.13 -1.94
CA SER B 366 -11.13 9.56 -2.86
C SER B 366 -10.69 10.51 -3.94
N GLU B 367 -11.43 11.60 -4.17
CA GLU B 367 -11.06 12.55 -5.22
C GLU B 367 -9.73 13.26 -4.95
N ASP B 368 -9.08 13.67 -6.04
CA ASP B 368 -7.83 14.41 -5.97
C ASP B 368 -6.76 13.61 -5.24
N HIS B 369 -6.56 12.38 -5.70
CA HIS B 369 -5.57 11.49 -5.09
C HIS B 369 -5.76 11.44 -3.58
N TYR B 370 -7.01 11.27 -3.16
CA TYR B 370 -7.36 11.08 -1.74
C TYR B 370 -7.11 12.31 -0.89
N LYS B 371 -7.25 13.53 -1.44
CA LYS B 371 -6.90 14.72 -0.67
C LYS B 371 -7.69 14.77 0.65
N LYS B 372 -9.01 14.56 0.57
CA LYS B 372 -9.84 14.67 1.76
C LYS B 372 -9.71 13.43 2.65
N TYR B 373 -9.48 12.25 2.07
CA TYR B 373 -9.21 11.13 2.95
C TYR B 373 -7.99 11.40 3.80
N LEU B 374 -6.95 11.95 3.17
CA LEU B 374 -5.71 12.17 3.89
C LEU B 374 -5.91 13.17 5.03
N ALA B 375 -6.58 14.30 4.74
CA ALA B 375 -6.80 15.27 5.82
C ALA B 375 -7.65 14.68 6.95
N LYS B 376 -8.75 14.00 6.60
CA LYS B 376 -9.61 13.43 7.62
C LYS B 376 -8.85 12.41 8.49
N LEU B 377 -8.09 11.50 7.87
CA LEU B 377 -7.29 10.58 8.65
C LEU B 377 -6.32 11.33 9.58
N ARG B 378 -5.64 12.38 9.07
CA ARG B 378 -4.72 13.13 9.93
C ARG B 378 -5.42 13.68 11.15
N SER B 379 -6.70 13.99 11.05
CA SER B 379 -7.34 14.70 12.15
C SER B 379 -8.19 13.81 13.06
N ILE B 380 -8.37 12.55 12.76
CA ILE B 380 -9.27 11.77 13.63
C ILE B 380 -8.45 11.23 14.80
N ASN B 381 -9.17 10.80 15.82
CA ASN B 381 -8.45 10.10 16.89
C ASN B 381 -8.81 8.61 16.88
N PRO B 382 -7.82 7.75 17.12
CA PRO B 382 -8.06 6.29 17.15
C PRO B 382 -9.18 5.94 18.11
N PRO B 383 -9.73 4.72 18.02
CA PRO B 383 -9.36 3.70 17.02
C PRO B 383 -9.84 4.04 15.62
N CYS B 384 -9.09 3.63 14.60
CA CYS B 384 -9.59 3.65 13.23
C CYS B 384 -8.98 2.51 12.46
N VAL B 385 -9.51 2.32 11.25
CA VAL B 385 -8.98 1.38 10.27
C VAL B 385 -8.65 2.15 9.00
N PRO B 386 -7.38 2.51 8.82
CA PRO B 386 -6.97 3.18 7.58
C PRO B 386 -7.19 2.31 6.35
N PHE B 387 -7.29 2.99 5.19
CA PHE B 387 -7.14 2.34 3.89
C PHE B 387 -5.65 2.15 3.60
N PHE B 388 -5.26 0.91 3.31
CA PHE B 388 -3.85 0.54 3.19
C PHE B 388 -3.26 0.88 1.84
N GLY B 389 -4.10 1.00 0.81
CA GLY B 389 -3.58 1.10 -0.55
C GLY B 389 -2.61 2.24 -0.75
N ILE B 390 -2.83 3.36 -0.04
CA ILE B 390 -2.01 4.56 -0.23
C ILE B 390 -0.63 4.33 0.33
N TYR B 391 -0.54 3.71 1.50
CA TYR B 391 0.76 3.30 2.05
C TYR B 391 1.53 2.43 1.07
N LEU B 392 0.85 1.47 0.47
CA LEU B 392 1.53 0.54 -0.43
C LEU B 392 2.10 1.28 -1.62
N THR B 393 1.30 2.17 -2.22
CA THR B 393 1.81 2.96 -3.32
C THR B 393 2.99 3.83 -2.89
N ASN B 394 2.92 4.45 -1.71
CA ASN B 394 3.99 5.35 -1.31
C ASN B 394 5.28 4.59 -1.01
N ILE B 395 5.18 3.43 -0.35
CA ILE B 395 6.38 2.63 -0.10
C ILE B 395 6.97 2.18 -1.44
N LEU B 396 6.12 1.70 -2.34
CA LEU B 396 6.65 1.18 -3.60
C LEU B 396 7.29 2.27 -4.41
N LYS B 397 6.65 3.45 -4.51
CA LYS B 397 7.21 4.53 -5.32
C LYS B 397 8.44 5.15 -4.67
N THR B 398 8.52 5.15 -3.33
CA THR B 398 9.72 5.59 -2.66
C THR B 398 10.87 4.67 -2.96
N GLU B 399 10.64 3.37 -2.92
CA GLU B 399 11.73 2.44 -3.15
C GLU B 399 12.14 2.42 -4.61
N GLU B 400 11.18 2.52 -5.52
CA GLU B 400 11.50 2.47 -6.93
C GLU B 400 11.96 3.82 -7.47
N GLY B 401 11.57 4.93 -6.84
CA GLY B 401 11.88 6.22 -7.41
C GLY B 401 13.13 6.88 -6.88
N ASN B 402 13.96 6.18 -6.12
CA ASN B 402 15.17 6.72 -5.52
C ASN B 402 16.28 5.71 -5.65
N PRO B 403 17.53 6.16 -5.81
CA PRO B 403 18.63 5.21 -6.02
C PRO B 403 18.99 4.51 -4.72
N GLU B 404 19.32 3.23 -4.84
CA GLU B 404 19.86 2.46 -3.73
C GLU B 404 21.18 3.07 -3.24
N VAL B 405 21.91 3.72 -4.11
CA VAL B 405 23.28 4.11 -3.82
C VAL B 405 23.48 5.52 -4.35
N LEU B 406 24.26 6.31 -3.63
CA LEU B 406 24.71 7.61 -4.09
C LEU B 406 26.20 7.49 -4.35
N LYS B 407 26.74 8.32 -5.23
CA LYS B 407 28.17 8.27 -5.51
C LYS B 407 28.81 9.60 -5.17
N ARG B 408 29.98 9.52 -4.52
CA ARG B 408 30.72 10.72 -4.13
C ARG B 408 32.19 10.41 -4.36
N HIS B 409 32.87 11.23 -5.17
CA HIS B 409 34.29 10.99 -5.44
C HIS B 409 34.55 9.57 -5.91
N GLY B 410 33.68 9.05 -6.80
CA GLY B 410 33.82 7.69 -7.30
C GLY B 410 33.47 6.61 -6.31
N LYS B 411 33.20 6.95 -5.06
CA LYS B 411 32.86 5.99 -4.01
C LYS B 411 31.35 5.81 -3.88
N GLU B 412 30.94 4.56 -3.63
CA GLU B 412 29.54 4.23 -3.46
C GLU B 412 29.14 4.37 -1.99
N LEU B 413 28.01 5.04 -1.72
CA LEU B 413 27.46 5.17 -0.38
C LEU B 413 26.00 4.70 -0.34
N ILE B 414 25.65 3.91 0.67
CA ILE B 414 24.27 3.45 0.77
C ILE B 414 23.38 4.66 0.93
N ASN B 415 22.34 4.74 0.12
CA ASN B 415 21.37 5.82 0.24
C ASN B 415 20.48 5.51 1.44
N PHE B 416 20.74 6.14 2.57
CA PHE B 416 19.95 5.80 3.76
C PHE B 416 18.68 6.61 3.87
N SER B 417 18.64 7.81 3.31
CA SER B 417 17.45 8.65 3.41
C SER B 417 16.23 8.01 2.77
N LYS B 418 16.41 7.29 1.64
CA LYS B 418 15.23 6.64 1.06
C LYS B 418 14.67 5.59 2.01
N ARG B 419 15.57 4.90 2.74
CA ARG B 419 15.14 3.93 3.76
C ARG B 419 14.45 4.62 4.92
N ARG B 420 14.95 5.78 5.32
CA ARG B 420 14.25 6.52 6.36
C ARG B 420 12.84 6.88 5.92
N LYS B 421 12.67 7.30 4.66
CA LYS B 421 11.32 7.64 4.16
C LYS B 421 10.40 6.41 4.25
N VAL B 422 10.91 5.23 3.84
CA VAL B 422 10.09 4.02 3.97
C VAL B 422 9.78 3.72 5.45
N ALA B 423 10.76 3.90 6.34
CA ALA B 423 10.50 3.64 7.76
C ALA B 423 9.50 4.62 8.36
N GLU B 424 9.45 5.86 7.89
CA GLU B 424 8.40 6.77 8.34
C GLU B 424 7.04 6.26 7.95
N ILE B 425 6.92 5.70 6.73
CA ILE B 425 5.61 5.17 6.33
C ILE B 425 5.23 3.99 7.23
N THR B 426 6.16 3.06 7.45
CA THR B 426 5.77 1.91 8.27
C THR B 426 5.49 2.34 9.69
N GLY B 427 6.18 3.38 10.17
CA GLY B 427 5.88 3.90 11.49
C GLY B 427 4.47 4.45 11.60
N GLU B 428 4.01 5.19 10.57
CA GLU B 428 2.63 5.69 10.59
C GLU B 428 1.61 4.54 10.62
N ILE B 429 1.85 3.48 9.85
CA ILE B 429 0.96 2.31 9.91
C ILE B 429 0.91 1.77 11.33
N GLN B 430 2.08 1.59 11.93
CA GLN B 430 2.11 1.01 13.27
C GLN B 430 1.34 1.89 14.25
N GLN B 431 1.45 3.22 14.10
CA GLN B 431 0.80 4.11 15.05
C GLN B 431 -0.70 3.89 15.03
N TYR B 432 -1.27 3.61 13.85
CA TYR B 432 -2.70 3.29 13.88
C TYR B 432 -2.98 1.83 14.27
N GLN B 433 -1.98 0.99 14.41
CA GLN B 433 -2.35 -0.34 14.91
C GLN B 433 -2.43 -0.43 16.43
N ASN B 434 -2.17 0.65 17.17
CA ASN B 434 -2.06 0.53 18.62
C ASN B 434 -3.41 0.30 19.29
N GLN B 435 -4.40 1.10 18.93
CA GLN B 435 -5.63 1.23 19.70
C GLN B 435 -6.72 0.31 19.17
N PRO B 436 -7.33 -0.54 20.00
CA PRO B 436 -8.42 -1.42 19.54
C PRO B 436 -9.79 -0.79 19.73
N TYR B 437 -10.79 -1.41 19.10
CA TYR B 437 -12.16 -0.94 19.17
C TYR B 437 -12.89 -1.48 20.41
N CYS B 438 -13.64 -0.61 21.08
CA CYS B 438 -14.47 -1.04 22.20
C CYS B 438 -15.80 -1.55 21.65
N LEU B 439 -15.77 -2.77 21.13
CA LEU B 439 -16.93 -3.42 20.55
C LEU B 439 -16.87 -4.90 20.85
N ARG B 440 -18.04 -5.50 21.03
CA ARG B 440 -18.11 -6.91 21.35
C ARG B 440 -18.20 -7.74 20.06
N VAL B 441 -17.40 -8.81 19.99
CA VAL B 441 -17.47 -9.78 18.91
C VAL B 441 -18.76 -10.58 18.98
N GLU B 442 -19.39 -10.81 17.84
CA GLU B 442 -20.50 -11.75 17.75
C GLU B 442 -20.02 -12.93 16.88
N SER B 443 -19.64 -14.03 17.55
CA SER B 443 -18.98 -15.15 16.89
C SER B 443 -19.66 -15.57 15.58
N ASP B 444 -20.99 -15.60 15.53
CA ASP B 444 -21.68 -16.10 14.33
C ASP B 444 -21.69 -15.08 13.20
N ILE B 445 -21.92 -13.80 13.52
CA ILE B 445 -21.86 -12.76 12.51
C ILE B 445 -20.46 -12.65 11.96
N LYS B 446 -19.48 -12.63 12.86
CA LYS B 446 -18.08 -12.70 12.48
C LYS B 446 -17.85 -13.83 11.49
N ARG B 447 -18.24 -15.06 11.86
CA ARG B 447 -18.00 -16.19 10.96
C ARG B 447 -18.70 -16.01 9.63
N PHE B 448 -19.93 -15.48 9.65
CA PHE B 448 -20.65 -15.23 8.40
C PHE B 448 -19.83 -14.34 7.45
N PHE B 449 -19.17 -13.33 7.98
CA PHE B 449 -18.42 -12.44 7.08
C PHE B 449 -17.04 -12.98 6.73
N GLU B 450 -16.44 -13.76 7.62
CA GLU B 450 -15.22 -14.45 7.27
C GLU B 450 -15.43 -15.39 6.09
N ASN B 451 -16.60 -16.03 6.01
CA ASN B 451 -16.84 -17.06 4.99
C ASN B 451 -17.62 -16.55 3.78
N LEU B 452 -17.91 -15.26 3.67
CA LEU B 452 -18.48 -14.76 2.43
C LEU B 452 -17.59 -15.18 1.27
N ASN B 453 -18.18 -15.67 0.21
CA ASN B 453 -17.43 -16.09 -0.96
C ASN B 453 -18.23 -15.78 -2.21
N PRO B 454 -18.42 -14.48 -2.53
CA PRO B 454 -19.29 -14.13 -3.66
C PRO B 454 -18.84 -14.68 -4.98
N MET B 455 -17.53 -14.88 -5.15
CA MET B 455 -17.09 -15.39 -6.44
C MET B 455 -17.33 -16.88 -6.58
N GLY B 456 -17.50 -17.60 -5.47
CA GLY B 456 -17.62 -19.05 -5.60
C GLY B 456 -16.39 -19.61 -6.31
N ASN B 457 -16.61 -20.47 -7.32
CA ASN B 457 -15.53 -21.09 -8.06
C ASN B 457 -15.09 -20.31 -9.29
N SER B 458 -15.81 -19.26 -9.64
CA SER B 458 -15.53 -18.52 -10.86
C SER B 458 -14.19 -17.80 -10.79
N MET B 459 -13.58 -17.64 -11.95
CA MET B 459 -12.44 -16.75 -12.08
C MET B 459 -12.93 -15.31 -12.11
N GLU B 460 -11.99 -14.41 -11.79
CA GLU B 460 -12.27 -12.99 -11.73
C GLU B 460 -13.04 -12.51 -12.97
N LYS B 461 -12.50 -12.74 -14.18
CA LYS B 461 -13.13 -12.18 -15.37
C LYS B 461 -14.56 -12.71 -15.56
N GLU B 462 -14.73 -14.02 -15.51
CA GLU B 462 -16.05 -14.63 -15.56
C GLU B 462 -17.01 -14.00 -14.54
N PHE B 463 -16.54 -13.78 -13.31
CA PHE B 463 -17.47 -13.28 -12.29
C PHE B 463 -17.83 -11.82 -12.53
N THR B 464 -16.86 -10.99 -12.90
CA THR B 464 -17.16 -9.58 -13.09
C THR B 464 -17.96 -9.39 -14.37
N ASP B 465 -17.75 -10.24 -15.36
CA ASP B 465 -18.60 -10.22 -16.54
C ASP B 465 -20.02 -10.64 -16.21
N TYR B 466 -20.19 -11.63 -15.32
CA TYR B 466 -21.54 -12.01 -14.92
C TYR B 466 -22.23 -10.90 -14.14
N LEU B 467 -21.51 -10.17 -13.27
CA LEU B 467 -22.12 -9.03 -12.58
C LEU B 467 -22.58 -7.97 -13.57
N PHE B 468 -21.72 -7.67 -14.56
CA PHE B 468 -22.08 -6.64 -15.54
C PHE B 468 -23.27 -7.08 -16.40
N ASN B 469 -23.35 -8.37 -16.74
CA ASN B 469 -24.50 -8.83 -17.51
C ASN B 469 -25.77 -8.85 -16.67
N LYS B 470 -25.69 -9.14 -15.36
CA LYS B 470 -26.86 -8.94 -14.50
C LYS B 470 -27.27 -7.47 -14.45
N SER B 471 -26.29 -6.56 -14.39
CA SER B 471 -26.61 -5.13 -14.42
C SER B 471 -27.40 -4.79 -15.69
N LEU B 472 -26.89 -5.24 -16.85
CA LEU B 472 -27.57 -4.97 -18.12
C LEU B 472 -28.95 -5.60 -18.19
N GLU B 473 -29.14 -6.78 -17.57
CA GLU B 473 -30.45 -7.41 -17.61
C GLU B 473 -31.46 -6.64 -16.74
N ILE B 474 -31.04 -6.19 -15.55
CA ILE B 474 -32.02 -5.60 -14.64
C ILE B 474 -32.36 -4.16 -15.01
N GLU B 475 -31.43 -3.43 -15.65
CA GLU B 475 -31.74 -2.13 -16.23
C GLU B 475 -31.08 -2.04 -17.61
N PRO B 476 -31.79 -2.44 -18.66
CA PRO B 476 -31.19 -2.48 -20.00
C PRO B 476 -30.78 -1.08 -20.50
N ARG B 477 -29.80 -1.08 -21.41
CA ARG B 477 -29.33 0.16 -22.02
C ARG B 477 -30.47 0.89 -22.70
N LYS B 480 -33.84 0.36 -24.88
CA LYS B 480 -34.55 -0.81 -24.39
C LYS B 480 -35.42 -0.45 -23.18
N PRO B 481 -36.70 -0.85 -23.16
CA PRO B 481 -37.58 -0.49 -22.05
C PRO B 481 -37.18 -1.20 -20.76
N LEU B 482 -37.55 -0.58 -19.65
CA LEU B 482 -37.24 -1.18 -18.35
C LEU B 482 -38.22 -2.30 -18.04
N PRO B 483 -37.74 -3.53 -17.85
CA PRO B 483 -38.63 -4.65 -17.51
C PRO B 483 -39.03 -4.57 -16.05
N ARG B 484 -39.97 -5.46 -15.67
CA ARG B 484 -40.32 -5.68 -14.28
C ARG B 484 -39.84 -7.05 -13.83
N PHE B 485 -39.44 -7.16 -12.57
CA PHE B 485 -39.02 -8.44 -12.04
C PHE B 485 -39.72 -8.70 -10.71
N PRO B 486 -40.07 -9.95 -10.40
CA PRO B 486 -40.79 -10.23 -9.16
C PRO B 486 -39.89 -10.14 -7.94
N LYS B 487 -40.51 -9.95 -6.78
CA LYS B 487 -39.78 -9.81 -5.52
C LYS B 487 -39.14 -11.14 -5.10
N LYS B 488 -38.05 -11.03 -4.34
CA LYS B 488 -37.36 -12.21 -3.82
C LYS B 488 -37.27 -12.25 -2.29
N TYR B 489 -37.58 -11.17 -1.58
CA TYR B 489 -37.48 -11.16 -0.12
C TYR B 489 -38.87 -11.30 0.48
N SER B 490 -39.04 -12.32 1.34
CA SER B 490 -40.27 -12.57 2.06
C SER B 490 -40.47 -11.65 3.25
N TYR B 491 -39.43 -11.04 3.73
CA TYR B 491 -39.51 -10.28 4.96
C TYR B 491 -39.62 -8.80 4.63
N PRO B 492 -39.80 -7.94 5.63
CA PRO B 492 -39.94 -6.51 5.34
C PRO B 492 -38.60 -5.90 4.98
N LEU B 493 -38.67 -4.93 4.06
CA LEU B 493 -37.49 -4.24 3.58
C LEU B 493 -37.15 -3.02 4.40
N LYS B 494 -38.03 -2.61 5.31
CA LYS B 494 -37.78 -1.38 6.03
C LYS B 494 -36.58 -1.59 6.94
N SER B 495 -35.73 -0.59 7.00
CA SER B 495 -34.52 -0.58 7.82
C SER B 495 -34.84 -0.19 9.26
N PRO B 496 -34.15 -0.75 10.25
CA PRO B 496 -34.23 -0.22 11.63
C PRO B 496 -33.42 1.05 11.82
N GLY B 497 -32.68 1.49 10.81
CA GLY B 497 -31.89 2.69 10.95
C GLY B 497 -30.62 2.41 11.72
N VAL B 498 -29.82 3.47 11.90
CA VAL B 498 -28.46 3.33 12.39
C VAL B 498 -28.29 3.95 13.77
N ARG B 499 -29.39 4.20 14.50
CA ARG B 499 -29.29 4.60 15.90
C ARG B 499 -29.57 3.41 16.82
N PRO B 500 -28.83 3.27 17.91
CA PRO B 500 -29.02 2.10 18.80
C PRO B 500 -30.41 2.01 19.42
N SER B 501 -30.67 0.87 20.06
CA SER B 501 -31.93 0.65 20.75
C SER B 501 -31.88 0.98 22.25
N ASN B 502 -30.69 1.13 22.84
CA ASN B 502 -30.42 1.85 24.11
C ASN B 502 -29.12 1.40 24.78
N LYS C 1 -25.97 13.54 -15.42
CA LYS C 1 -25.13 14.61 -14.91
C LYS C 1 -24.21 14.06 -13.82
N HIS C 3 -22.18 12.10 -10.91
CA HIS C 3 -22.47 10.76 -10.44
C HIS C 3 -23.98 10.67 -10.14
N PRO C 4 -24.65 9.36 -10.21
CA PRO C 4 -25.95 9.11 -9.95
C PRO C 4 -26.33 9.47 -8.49
N TRP C 5 -25.27 9.70 -7.47
CA TRP C 5 -25.61 10.04 -6.10
C TRP C 5 -25.41 11.55 -5.94
N SER C 6 -25.16 12.36 -7.15
CA SER C 6 -24.94 13.78 -6.97
C SER C 6 -26.29 14.49 -7.04
N VAL C 7 -26.33 15.91 -6.63
CA VAL C 7 -27.58 16.65 -6.73
C VAL C 7 -27.90 16.84 -8.23
N ALA C 8 -29.23 16.44 -8.78
CA ALA C 8 -29.54 16.64 -10.19
C ALA C 8 -29.52 18.18 -10.43
#